data_7BO2
#
_entry.id   7BO2
#
_cell.length_a   60.795
_cell.length_b   72.495
_cell.length_c   79.114
_cell.angle_alpha   90.000
_cell.angle_beta   90.000
_cell.angle_gamma   90.000
#
_symmetry.space_group_name_H-M   'P 21 21 21'
#
loop_
_entity.id
_entity.type
_entity.pdbx_description
1 polymer 'Palmitoleoyl-protein carboxylesterase NOTUM'
2 non-polymer 'SULFATE ION'
3 non-polymer 2-acetamido-2-deoxy-beta-D-glucopyranose
4 non-polymer 1,2-ETHANEDIOL
5 non-polymer '4~{H}-thieno[3,2-c]chromene-2-carboxylic acid'
6 non-polymer 'DIMETHYL SULFOXIDE'
7 water water
#
_entity_poly.entity_id   1
_entity_poly.type   'polypeptide(L)'
_entity_poly.pdbx_seq_one_letter_code
;ETGSAQQLNEDLRLHLLLNTSVTCNDGSPAGYYLKESRGSRRWLLFLEGGWYCFNRENCDSRYDTMRRLMSSRDWPRTRT
GTGILSSQPEENPYWWNANMVFIPYCSSDVWSGASSKSEKNEYAFMGALIIQEVVRELLGRGLSGAKVLLLAGSSAGGTG
VLLNVDRVAEQLEKLGYPAIQVRGLADSGWFLDNKQYRHTDCVDTITCAPTEAIRRGIRYWNGVVPERCRRQFQEGEEWN
CFFGYKVYPTLRSPVFVVQWLFDEAQLTVDNVHLTGQPVQEGLRLYIQNLGRELRHTLKDVPASFAPACLSHEIIIRSHW
TDVQVKGTSLPRALHCWDRSLHDSHKASKTPLKGCPVHLVDSCPWPHCNPSCPTGTHHHHHH
;
_entity_poly.pdbx_strand_id   A
#
loop_
_chem_comp.id
_chem_comp.type
_chem_comp.name
_chem_comp.formula
DMS non-polymer 'DIMETHYL SULFOXIDE' 'C2 H6 O S'
EDO non-polymer 1,2-ETHANEDIOL 'C2 H6 O2'
NAG D-saccharide, beta linking 2-acetamido-2-deoxy-beta-D-glucopyranose 'C8 H15 N O6'
SO4 non-polymer 'SULFATE ION' 'O4 S -2'
U62 non-polymer '4~{H}-thieno[3,2-c]chromene-2-carboxylic acid' 'C12 H8 O3 S'
#
# COMPACT_ATOMS: atom_id res chain seq x y z
N ASP A 11 -11.67 10.88 16.38
CA ASP A 11 -11.69 11.38 15.01
C ASP A 11 -10.36 12.03 14.61
N LEU A 12 -10.03 11.92 13.33
CA LEU A 12 -8.90 12.61 12.74
C LEU A 12 -9.45 13.80 11.95
N ARG A 13 -8.74 14.94 12.00
CA ARG A 13 -9.21 16.20 11.43
C ARG A 13 -8.48 16.55 10.14
N LEU A 14 -9.25 17.02 9.14
CA LEU A 14 -8.70 17.34 7.83
C LEU A 14 -7.85 18.62 7.84
N HIS A 15 -6.70 18.54 7.17
CA HIS A 15 -5.88 19.71 6.84
C HIS A 15 -5.56 19.64 5.35
N LEU A 16 -6.03 20.63 4.57
CA LEU A 16 -5.61 20.72 3.17
C LEU A 16 -4.19 21.29 3.11
N LEU A 17 -3.43 20.83 2.12
CA LEU A 17 -2.02 21.24 2.04
C LEU A 17 -1.90 22.74 1.85
N LEU A 18 -0.95 23.34 2.58
CA LEU A 18 -0.69 24.78 2.44
C LEU A 18 -0.03 25.10 1.11
N ASN A 19 0.76 24.18 0.57
CA ASN A 19 1.31 24.31 -0.78
C ASN A 19 0.24 23.83 -1.75
N THR A 20 -0.52 24.75 -2.31
CA THR A 20 -1.65 24.38 -3.13
C THR A 20 -1.26 23.99 -4.56
N SER A 21 0.03 23.98 -4.89
CA SER A 21 0.49 23.41 -6.16
C SER A 21 0.64 21.89 -6.11
N VAL A 22 0.45 21.28 -4.94
CA VAL A 22 0.47 19.84 -4.78
C VAL A 22 -0.99 19.40 -4.73
N THR A 23 -1.49 18.78 -5.81
CA THR A 23 -2.92 18.65 -6.03
C THR A 23 -3.35 17.20 -6.28
N CYS A 24 -4.66 16.98 -6.06
CA CYS A 24 -5.38 15.81 -6.54
C CYS A 24 -5.50 15.87 -8.07
N ASN A 25 -6.09 14.82 -8.67
CA ASN A 25 -6.16 14.70 -10.14
C ASN A 25 -6.76 15.95 -10.80
N ASP A 26 -7.82 16.54 -10.22
CA ASP A 26 -8.51 17.65 -10.88
C ASP A 26 -7.96 19.03 -10.49
N GLY A 27 -6.82 19.11 -9.81
CA GLY A 27 -6.24 20.39 -9.45
C GLY A 27 -6.69 20.95 -8.11
N SER A 28 -7.66 20.31 -7.44
CA SER A 28 -7.98 20.69 -6.07
C SER A 28 -6.84 20.29 -5.12
N PRO A 29 -6.71 20.97 -3.98
CA PRO A 29 -5.56 20.67 -3.11
C PRO A 29 -5.66 19.27 -2.51
N ALA A 30 -4.50 18.60 -2.40
CA ALA A 30 -4.42 17.36 -1.63
C ALA A 30 -4.43 17.69 -0.13
N GLY A 31 -4.34 16.67 0.72
CA GLY A 31 -4.40 16.91 2.16
C GLY A 31 -4.14 15.66 2.98
N TYR A 32 -4.39 15.79 4.29
CA TYR A 32 -4.22 14.69 5.24
C TYR A 32 -5.15 14.89 6.44
N TYR A 33 -5.52 13.79 7.10
CA TYR A 33 -6.27 13.82 8.35
C TYR A 33 -5.34 13.47 9.50
N LEU A 34 -5.42 14.22 10.61
CA LEU A 34 -4.47 14.12 11.72
C LEU A 34 -5.17 14.04 13.07
N LYS A 35 -4.71 13.13 13.94
CA LYS A 35 -5.03 13.14 15.37
C LYS A 35 -3.71 13.07 16.14
N GLU A 36 -3.39 14.12 16.87
CA GLU A 36 -2.13 14.16 17.61
C GLU A 36 -2.24 13.43 18.94
N SER A 37 -1.09 12.95 19.42
CA SER A 37 -0.95 12.32 20.74
C SER A 37 0.28 12.95 21.39
N ARG A 38 0.05 13.97 22.24
CA ARG A 38 1.16 14.82 22.68
C ARG A 38 2.22 14.05 23.47
N GLY A 39 1.83 12.97 24.15
CA GLY A 39 2.84 12.23 24.87
C GLY A 39 3.67 11.24 24.09
N SER A 40 3.51 11.16 22.76
CA SER A 40 4.11 10.07 22.00
C SER A 40 5.08 10.59 20.96
N ARG A 41 6.19 9.87 20.78
CA ARG A 41 7.14 10.12 19.70
C ARG A 41 7.01 9.14 18.54
N ARG A 42 5.89 8.41 18.46
CA ARG A 42 5.61 7.52 17.33
C ARG A 42 4.60 8.17 16.39
N TRP A 43 4.87 8.06 15.08
CA TRP A 43 4.01 8.63 14.03
C TRP A 43 3.68 7.57 13.00
N LEU A 44 2.38 7.40 12.73
CA LEU A 44 1.87 6.45 11.75
C LEU A 44 1.23 7.23 10.60
N LEU A 45 1.80 7.12 9.39
CA LEU A 45 1.27 7.76 8.19
C LEU A 45 0.72 6.67 7.26
N PHE A 46 -0.60 6.65 7.05
CA PHE A 46 -1.29 5.60 6.31
C PHE A 46 -1.73 6.07 4.92
N LEU A 47 -1.36 5.30 3.88
CA LEU A 47 -1.73 5.57 2.49
C LEU A 47 -2.94 4.73 2.07
N GLU A 48 -4.04 5.40 1.72
CA GLU A 48 -5.23 4.74 1.18
C GLU A 48 -4.96 4.11 -0.19
N GLY A 49 -5.73 3.04 -0.52
CA GLY A 49 -5.70 2.43 -1.82
C GLY A 49 -6.95 2.67 -2.66
N GLY A 50 -7.07 1.89 -3.75
CA GLY A 50 -8.21 2.02 -4.67
C GLY A 50 -7.93 2.00 -6.17
N TRP A 51 -7.13 1.04 -6.61
CA TRP A 51 -6.81 0.81 -8.04
C TRP A 51 -6.07 2.04 -8.59
N TYR A 52 -6.35 2.44 -9.83
CA TYR A 52 -5.62 3.48 -10.55
C TYR A 52 -6.33 3.69 -11.90
N CYS A 53 -5.91 4.71 -12.65
CA CYS A 53 -6.35 4.88 -14.05
C CYS A 53 -5.12 5.21 -14.90
N PHE A 54 -5.20 4.97 -16.23
CA PHE A 54 -4.00 5.07 -17.05
C PHE A 54 -4.18 5.68 -18.44
N ASN A 55 -5.36 6.19 -18.81
CA ASN A 55 -5.54 6.97 -20.04
C ASN A 55 -6.71 7.92 -19.82
N ARG A 56 -6.96 8.79 -20.81
CA ARG A 56 -8.01 9.81 -20.69
C ARG A 56 -9.38 9.17 -20.48
N GLU A 57 -9.67 8.12 -21.26
CA GLU A 57 -11.00 7.53 -21.23
C GLU A 57 -11.30 6.85 -19.88
N ASN A 58 -10.35 6.04 -19.36
CA ASN A 58 -10.62 5.39 -18.08
C ASN A 58 -10.49 6.33 -16.88
N CYS A 59 -9.66 7.39 -16.98
CA CYS A 59 -9.67 8.39 -15.91
C CYS A 59 -10.97 9.22 -15.92
N ASP A 60 -11.52 9.52 -17.11
CA ASP A 60 -12.81 10.22 -17.18
C ASP A 60 -13.93 9.42 -16.54
N SER A 61 -13.94 8.11 -16.76
N SER A 61 -13.95 8.10 -16.74
CA SER A 61 -14.96 7.26 -16.15
CA SER A 61 -15.01 7.29 -16.13
C SER A 61 -14.84 7.26 -14.63
C SER A 61 -14.85 7.23 -14.60
N ARG A 62 -13.62 7.11 -14.12
CA ARG A 62 -13.36 7.18 -12.68
C ARG A 62 -13.79 8.52 -12.08
N TYR A 63 -13.67 9.62 -12.84
CA TYR A 63 -14.09 10.92 -12.33
C TYR A 63 -15.61 11.02 -12.15
N ASP A 64 -16.39 10.25 -12.92
CA ASP A 64 -17.84 10.27 -12.80
C ASP A 64 -18.34 9.52 -11.56
N THR A 65 -17.72 8.39 -11.22
CA THR A 65 -18.28 7.50 -10.22
C THR A 65 -17.37 7.16 -9.07
N MET A 66 -16.14 7.70 -9.04
CA MET A 66 -15.19 7.54 -7.94
C MET A 66 -14.49 8.86 -7.66
N ARG A 67 -15.28 9.93 -7.59
CA ARG A 67 -14.71 11.28 -7.60
C ARG A 67 -13.88 11.59 -6.36
N ARG A 68 -14.24 11.01 -5.20
CA ARG A 68 -13.44 11.23 -3.99
C ARG A 68 -12.01 10.72 -4.12
N LEU A 69 -11.76 9.79 -5.05
CA LEU A 69 -10.43 9.29 -5.37
C LEU A 69 -9.70 10.16 -6.41
N MET A 70 -10.28 11.30 -6.78
CA MET A 70 -9.70 12.18 -7.80
C MET A 70 -9.79 13.66 -7.44
N SER A 71 -10.29 14.02 -6.26
CA SER A 71 -10.65 15.40 -5.95
C SER A 71 -10.90 15.51 -4.45
N SER A 72 -10.55 16.69 -3.87
CA SER A 72 -10.82 16.95 -2.46
C SER A 72 -12.08 17.77 -2.23
N ARG A 73 -12.80 18.14 -3.30
CA ARG A 73 -13.90 19.08 -3.18
C ARG A 73 -15.01 18.59 -2.25
N ASP A 74 -15.23 17.28 -2.15
CA ASP A 74 -16.33 16.74 -1.37
C ASP A 74 -15.86 15.98 -0.11
N TRP A 75 -14.60 16.13 0.29
CA TRP A 75 -14.09 15.41 1.46
C TRP A 75 -14.74 15.94 2.74
N PRO A 76 -15.00 15.07 3.71
CA PRO A 76 -15.53 15.53 5.01
C PRO A 76 -14.45 16.13 5.89
N ARG A 77 -14.91 16.90 6.90
CA ARG A 77 -14.00 17.61 7.81
C ARG A 77 -13.27 16.65 8.74
N THR A 78 -13.85 15.48 9.04
CA THR A 78 -13.23 14.50 9.93
C THR A 78 -13.45 13.09 9.38
N ARG A 79 -12.66 12.16 9.89
CA ARG A 79 -12.85 10.72 9.67
C ARG A 79 -12.56 10.00 10.98
N THR A 80 -13.19 8.82 11.15
CA THR A 80 -12.96 8.00 12.33
C THR A 80 -11.82 7.03 12.06
N GLY A 81 -10.85 6.98 12.98
CA GLY A 81 -9.76 6.02 12.86
C GLY A 81 -10.19 4.61 13.24
N THR A 82 -9.88 3.64 12.38
CA THR A 82 -10.26 2.25 12.57
C THR A 82 -9.04 1.34 12.44
N GLY A 83 -9.11 0.18 13.09
CA GLY A 83 -8.01 -0.77 13.00
C GLY A 83 -6.73 -0.20 13.59
N ILE A 84 -5.64 -0.27 12.82
CA ILE A 84 -4.35 0.26 13.24
C ILE A 84 -4.38 1.78 13.42
N LEU A 85 -5.39 2.47 12.88
CA LEU A 85 -5.58 3.91 13.10
C LEU A 85 -6.49 4.22 14.29
N SER A 86 -6.99 3.21 15.02
CA SER A 86 -7.79 3.47 16.21
C SER A 86 -6.92 3.85 17.40
N SER A 87 -7.43 4.77 18.21
CA SER A 87 -6.78 5.23 19.44
C SER A 87 -7.26 4.48 20.69
N GLN A 88 -8.09 3.45 20.55
CA GLN A 88 -8.55 2.63 21.68
C GLN A 88 -7.73 1.35 21.77
N PRO A 89 -7.11 1.05 22.92
CA PRO A 89 -6.32 -0.20 23.00
C PRO A 89 -7.14 -1.45 22.75
N GLU A 90 -8.44 -1.42 23.05
CA GLU A 90 -9.32 -2.56 22.77
C GLU A 90 -9.31 -2.92 21.29
N GLU A 91 -9.30 -1.93 20.40
CA GLU A 91 -9.31 -2.14 18.95
C GLU A 91 -7.91 -2.22 18.35
N ASN A 92 -6.92 -1.56 18.96
CA ASN A 92 -5.56 -1.44 18.41
C ASN A 92 -4.55 -1.76 19.50
N PRO A 93 -4.26 -3.05 19.73
CA PRO A 93 -3.27 -3.40 20.76
C PRO A 93 -1.85 -2.91 20.45
N TYR A 94 -1.57 -2.60 19.18
CA TYR A 94 -0.21 -2.31 18.74
C TYR A 94 0.22 -0.87 19.03
N TRP A 95 -0.45 0.12 18.42
CA TRP A 95 0.03 1.51 18.43
C TRP A 95 -1.09 2.51 18.79
N TRP A 96 -1.97 2.15 19.74
CA TRP A 96 -3.13 2.98 20.06
C TRP A 96 -2.75 4.39 20.52
N ASN A 97 -1.55 4.61 21.08
CA ASN A 97 -1.17 5.92 21.60
C ASN A 97 -0.35 6.76 20.61
N ALA A 98 -0.20 6.31 19.36
CA ALA A 98 0.62 7.03 18.40
C ALA A 98 -0.10 8.26 17.85
N ASN A 99 0.69 9.18 17.27
CA ASN A 99 0.14 10.22 16.41
C ASN A 99 -0.34 9.58 15.11
N MET A 100 -1.59 9.85 14.70
CA MET A 100 -2.25 9.16 13.59
C MET A 100 -2.48 10.09 12.40
N VAL A 101 -2.10 9.62 11.19
CA VAL A 101 -2.28 10.38 9.95
C VAL A 101 -2.87 9.45 8.88
N PHE A 102 -3.97 9.87 8.27
CA PHE A 102 -4.58 9.18 7.12
C PHE A 102 -4.44 10.09 5.91
N ILE A 103 -3.74 9.63 4.87
CA ILE A 103 -3.52 10.41 3.65
C ILE A 103 -4.45 9.87 2.57
N PRO A 104 -5.50 10.61 2.17
CA PRO A 104 -6.40 10.12 1.11
C PRO A 104 -5.69 9.95 -0.22
N TYR A 105 -6.12 8.92 -0.96
CA TYR A 105 -5.60 8.59 -2.29
C TYR A 105 -6.45 9.35 -3.31
N CYS A 106 -5.88 10.44 -3.87
CA CYS A 106 -6.60 11.23 -4.87
C CYS A 106 -5.79 11.48 -6.14
N SER A 107 -4.80 10.63 -6.41
CA SER A 107 -3.90 10.79 -7.55
C SER A 107 -3.92 9.65 -8.57
N SER A 108 -4.56 8.52 -8.26
CA SER A 108 -4.88 7.47 -9.26
C SER A 108 -3.64 6.88 -9.96
N ASP A 109 -2.48 6.92 -9.28
CA ASP A 109 -1.17 6.65 -9.87
C ASP A 109 -0.33 5.70 -9.03
N VAL A 110 -0.95 4.92 -8.14
CA VAL A 110 -0.24 4.02 -7.22
C VAL A 110 0.83 4.79 -6.44
N TRP A 111 0.56 6.09 -6.15
CA TRP A 111 1.46 6.93 -5.34
C TRP A 111 2.81 7.17 -6.01
N SER A 112 2.87 7.13 -7.35
CA SER A 112 4.13 7.23 -8.09
C SER A 112 4.30 8.51 -8.90
N GLY A 113 3.25 9.33 -9.06
CA GLY A 113 3.29 10.37 -10.07
C GLY A 113 4.01 11.64 -9.63
N ALA A 114 4.53 12.36 -10.64
CA ALA A 114 5.13 13.68 -10.47
C ALA A 114 4.85 14.58 -11.68
N SER A 115 3.57 14.87 -11.94
N SER A 115 3.57 14.80 -11.99
CA SER A 115 3.17 15.66 -13.10
CA SER A 115 3.19 15.69 -13.08
C SER A 115 1.93 16.50 -12.78
C SER A 115 2.00 16.56 -12.64
N SER A 116 1.97 17.79 -13.16
CA SER A 116 0.90 18.74 -12.85
C SER A 116 -0.12 18.84 -13.99
N LYS A 117 -1.33 19.27 -13.64
CA LYS A 117 -2.32 19.63 -14.64
C LYS A 117 -1.85 20.89 -15.39
N SER A 118 -1.98 20.88 -16.72
CA SER A 118 -1.37 21.92 -17.56
C SER A 118 -2.07 21.95 -18.92
N GLU A 119 -1.55 22.77 -19.85
CA GLU A 119 -2.12 22.82 -21.19
C GLU A 119 -1.97 21.50 -21.93
N LYS A 120 -1.03 20.64 -21.51
CA LYS A 120 -0.80 19.34 -22.12
C LYS A 120 -1.41 18.18 -21.33
N ASN A 121 -1.88 18.43 -20.09
CA ASN A 121 -2.32 17.37 -19.18
C ASN A 121 -3.70 17.71 -18.62
N GLU A 122 -4.72 16.92 -18.97
CA GLU A 122 -6.05 17.08 -18.40
C GLU A 122 -6.07 16.87 -16.89
N TYR A 123 -5.25 15.94 -16.38
CA TYR A 123 -5.20 15.59 -14.96
C TYR A 123 -3.78 15.74 -14.43
N ALA A 124 -3.67 16.00 -13.12
CA ALA A 124 -2.41 15.98 -12.40
C ALA A 124 -2.24 14.61 -11.73
N PHE A 125 -1.02 14.05 -11.81
CA PHE A 125 -0.67 12.80 -11.12
C PHE A 125 0.51 13.10 -10.19
N MET A 126 0.22 13.34 -8.91
CA MET A 126 1.21 13.90 -7.98
C MET A 126 1.45 13.05 -6.74
N GLY A 127 1.12 11.74 -6.79
CA GLY A 127 1.19 10.92 -5.58
C GLY A 127 2.53 10.94 -4.85
N ALA A 128 3.65 10.87 -5.58
CA ALA A 128 4.95 10.88 -4.91
C ALA A 128 5.23 12.23 -4.25
N LEU A 129 4.77 13.32 -4.86
CA LEU A 129 4.93 14.66 -4.31
C LEU A 129 3.98 14.94 -3.15
N ILE A 130 2.78 14.34 -3.17
CA ILE A 130 1.86 14.46 -2.03
C ILE A 130 2.49 13.91 -0.75
N ILE A 131 3.09 12.73 -0.83
CA ILE A 131 3.74 12.14 0.35
C ILE A 131 4.83 13.06 0.89
N GLN A 132 5.69 13.57 0.01
CA GLN A 132 6.78 14.45 0.44
C GLN A 132 6.25 15.73 1.09
N GLU A 133 5.16 16.30 0.54
CA GLU A 133 4.63 17.56 1.08
C GLU A 133 3.93 17.35 2.42
N VAL A 134 3.23 16.21 2.59
CA VAL A 134 2.65 15.90 3.90
C VAL A 134 3.74 15.82 4.97
N VAL A 135 4.82 15.09 4.69
CA VAL A 135 5.91 14.94 5.65
C VAL A 135 6.49 16.30 6.02
N ARG A 136 6.72 17.15 5.01
CA ARG A 136 7.32 18.47 5.28
C ARG A 136 6.42 19.33 6.16
N GLU A 137 5.11 19.35 5.89
CA GLU A 137 4.20 20.17 6.70
C GLU A 137 3.97 19.58 8.11
N LEU A 138 4.13 18.27 8.28
CA LEU A 138 3.98 17.67 9.62
C LEU A 138 5.17 17.98 10.53
N LEU A 139 6.34 18.24 9.95
CA LEU A 139 7.53 18.49 10.77
C LEU A 139 7.30 19.69 11.69
N GLY A 140 6.55 20.68 11.24
CA GLY A 140 6.20 21.82 12.08
C GLY A 140 5.08 21.57 13.07
N ARG A 141 4.39 20.43 12.97
CA ARG A 141 3.30 20.08 13.86
C ARG A 141 3.66 18.99 14.86
N GLY A 142 4.95 18.71 15.03
CA GLY A 142 5.41 17.74 16.01
C GLY A 142 6.25 16.61 15.45
N LEU A 143 6.22 16.36 14.14
CA LEU A 143 7.01 15.24 13.60
C LEU A 143 8.50 15.46 13.80
N SER A 144 8.97 16.71 13.95
CA SER A 144 10.38 16.98 14.18
C SER A 144 10.92 16.28 15.42
N GLY A 145 10.06 15.95 16.37
CA GLY A 145 10.47 15.27 17.59
C GLY A 145 10.31 13.77 17.57
N ALA A 146 9.98 13.18 16.43
CA ALA A 146 9.66 11.76 16.37
C ALA A 146 10.90 10.90 16.56
N LYS A 147 10.68 9.70 17.10
CA LYS A 147 11.69 8.63 17.09
C LYS A 147 11.43 7.57 16.02
N VAL A 148 10.17 7.32 15.66
CA VAL A 148 9.82 6.36 14.61
C VAL A 148 8.72 6.94 13.75
N LEU A 149 8.89 6.86 12.42
CA LEU A 149 7.86 7.17 11.44
C LEU A 149 7.57 5.88 10.69
N LEU A 150 6.37 5.31 10.90
CA LEU A 150 5.91 4.12 10.19
C LEU A 150 5.04 4.56 9.02
N LEU A 151 5.51 4.34 7.80
CA LEU A 151 4.73 4.59 6.58
C LEU A 151 3.99 3.28 6.24
N ALA A 152 2.66 3.29 6.38
CA ALA A 152 1.83 2.12 6.18
C ALA A 152 0.85 2.38 5.03
N GLY A 153 0.22 1.31 4.52
CA GLY A 153 -0.78 1.49 3.46
C GLY A 153 -1.40 0.16 3.06
N SER A 154 -2.59 0.26 2.45
CA SER A 154 -3.34 -0.91 1.98
C SER A 154 -3.61 -0.83 0.47
N SER A 155 -3.54 -1.99 -0.21
CA SER A 155 -3.81 -2.14 -1.66
CA SER A 155 -3.84 -2.12 -1.64
C SER A 155 -2.87 -1.24 -2.45
N ALA A 156 -3.35 -0.35 -3.33
CA ALA A 156 -2.44 0.58 -4.00
C ALA A 156 -1.57 1.36 -3.01
N GLY A 157 -2.09 1.64 -1.81
CA GLY A 157 -1.28 2.27 -0.76
C GLY A 157 -0.16 1.39 -0.23
N GLY A 158 -0.39 0.08 -0.17
CA GLY A 158 0.68 -0.85 0.18
C GLY A 158 1.80 -0.86 -0.84
N THR A 159 1.45 -0.91 -2.13
CA THR A 159 2.46 -0.74 -3.17
C THR A 159 3.15 0.62 -3.04
N GLY A 160 2.37 1.66 -2.71
CA GLY A 160 2.94 2.99 -2.49
C GLY A 160 4.00 3.04 -1.39
N VAL A 161 3.83 2.24 -0.33
CA VAL A 161 4.86 2.15 0.71
C VAL A 161 6.18 1.67 0.10
N LEU A 162 6.12 0.58 -0.68
CA LEU A 162 7.33 0.03 -1.29
C LEU A 162 8.00 1.05 -2.21
N LEU A 163 7.20 1.85 -2.92
CA LEU A 163 7.74 2.84 -3.86
C LEU A 163 8.31 4.08 -3.18
N ASN A 164 7.88 4.40 -1.95
CA ASN A 164 8.17 5.70 -1.35
C ASN A 164 8.93 5.69 -0.02
N VAL A 165 9.02 4.55 0.67
CA VAL A 165 9.60 4.54 2.02
C VAL A 165 11.05 5.04 2.03
N ASP A 166 11.88 4.61 1.07
CA ASP A 166 13.27 5.07 1.05
C ASP A 166 13.39 6.55 0.68
N ARG A 167 12.46 7.08 -0.14
CA ARG A 167 12.50 8.51 -0.44
C ARG A 167 12.15 9.35 0.78
N VAL A 168 11.21 8.90 1.61
CA VAL A 168 10.92 9.59 2.88
C VAL A 168 12.16 9.60 3.78
N ALA A 169 12.86 8.47 3.88
CA ALA A 169 14.08 8.42 4.68
C ALA A 169 15.12 9.41 4.16
N GLU A 170 15.31 9.47 2.84
CA GLU A 170 16.27 10.40 2.25
C GLU A 170 15.87 11.85 2.49
N GLN A 171 14.57 12.15 2.31
CA GLN A 171 14.06 13.50 2.56
C GLN A 171 14.39 13.96 3.98
N LEU A 172 14.13 13.12 4.97
CA LEU A 172 14.36 13.52 6.35
C LEU A 172 15.86 13.69 6.64
N GLU A 173 16.70 12.85 6.06
CA GLU A 173 18.15 12.99 6.23
C GLU A 173 18.64 14.31 5.66
N LYS A 174 18.17 14.67 4.46
CA LYS A 174 18.59 15.91 3.83
C LYS A 174 18.03 17.14 4.55
N LEU A 175 16.89 17.00 5.24
CA LEU A 175 16.31 18.10 5.98
C LEU A 175 16.94 18.28 7.36
N GLY A 176 17.83 17.39 7.77
CA GLY A 176 18.52 17.51 9.04
C GLY A 176 17.91 16.75 10.20
N TYR A 177 17.17 15.66 9.93
CA TYR A 177 16.52 14.87 10.97
C TYR A 177 16.97 13.42 10.87
N PRO A 178 18.25 13.12 11.13
CA PRO A 178 18.71 11.74 11.00
C PRO A 178 18.37 10.84 12.19
N ALA A 179 17.74 11.35 13.24
CA ALA A 179 17.35 10.54 14.39
C ALA A 179 15.99 9.87 14.21
N ILE A 180 15.23 10.24 13.18
CA ILE A 180 13.92 9.65 12.96
C ILE A 180 14.10 8.33 12.20
N GLN A 181 13.67 7.22 12.80
CA GLN A 181 13.77 5.92 12.15
C GLN A 181 12.56 5.70 11.24
N VAL A 182 12.79 5.64 9.93
CA VAL A 182 11.71 5.43 8.95
C VAL A 182 11.57 3.93 8.67
N ARG A 183 10.33 3.42 8.75
CA ARG A 183 10.00 2.01 8.52
C ARG A 183 8.73 1.94 7.66
N GLY A 184 8.51 0.79 7.01
CA GLY A 184 7.35 0.59 6.16
C GLY A 184 6.49 -0.60 6.57
N LEU A 185 5.18 -0.49 6.32
CA LEU A 185 4.21 -1.57 6.54
C LEU A 185 3.31 -1.66 5.29
N ALA A 186 3.55 -2.66 4.43
CA ALA A 186 2.86 -2.78 3.15
C ALA A 186 1.81 -3.89 3.23
N ASP A 187 0.52 -3.51 3.19
CA ASP A 187 -0.61 -4.44 3.32
C ASP A 187 -1.33 -4.60 1.97
N SER A 188 -1.45 -5.84 1.48
CA SER A 188 -2.23 -6.15 0.27
C SER A 188 -1.73 -5.40 -0.96
N GLY A 189 -0.43 -5.15 -1.03
CA GLY A 189 0.18 -4.50 -2.19
C GLY A 189 1.29 -5.28 -2.84
N TRP A 190 1.37 -6.60 -2.58
CA TRP A 190 2.44 -7.49 -3.05
C TRP A 190 1.85 -8.43 -4.11
N PHE A 191 1.99 -8.05 -5.39
CA PHE A 191 1.35 -8.72 -6.51
C PHE A 191 2.36 -9.47 -7.37
N LEU A 192 1.85 -10.46 -8.12
CA LEU A 192 2.64 -11.27 -9.03
C LEU A 192 2.29 -10.95 -10.49
N ASP A 193 3.33 -10.76 -11.32
CA ASP A 193 3.18 -10.65 -12.77
C ASP A 193 3.16 -12.03 -13.42
N ASN A 194 2.20 -12.84 -12.98
CA ASN A 194 2.08 -14.23 -13.41
C ASN A 194 1.18 -14.35 -14.64
N LYS A 195 1.13 -15.56 -15.19
CA LYS A 195 0.23 -15.83 -16.31
C LYS A 195 -1.20 -15.96 -15.82
N GLN A 196 -2.13 -15.39 -16.58
CA GLN A 196 -3.53 -15.35 -16.21
C GLN A 196 -4.20 -16.69 -16.48
N TYR A 197 -5.28 -16.96 -15.74
CA TYR A 197 -6.03 -18.20 -15.93
C TYR A 197 -6.69 -18.25 -17.31
N ARG A 198 -7.23 -17.12 -17.76
CA ARG A 198 -7.62 -16.88 -19.15
C ARG A 198 -6.99 -15.56 -19.61
N HIS A 199 -6.66 -15.47 -20.90
CA HIS A 199 -5.76 -14.44 -21.41
C HIS A 199 -6.43 -13.62 -22.52
N THR A 200 -6.19 -12.30 -22.49
CA THR A 200 -6.62 -11.37 -23.52
C THR A 200 -5.53 -10.36 -23.80
N ASP A 201 -5.40 -9.97 -25.06
CA ASP A 201 -4.47 -8.89 -25.40
C ASP A 201 -5.04 -7.55 -24.93
N CYS A 202 -4.14 -6.60 -24.69
CA CYS A 202 -4.50 -5.29 -24.12
C CYS A 202 -5.09 -4.42 -25.22
N VAL A 203 -6.41 -4.49 -25.37
CA VAL A 203 -7.13 -3.68 -26.35
C VAL A 203 -8.13 -2.72 -25.73
N ASP A 204 -8.38 -2.81 -24.41
CA ASP A 204 -9.17 -1.84 -23.67
C ASP A 204 -8.85 -2.03 -22.19
N THR A 205 -9.56 -1.29 -21.33
CA THR A 205 -9.24 -1.32 -19.91
C THR A 205 -9.39 -2.72 -19.32
N ILE A 206 -10.52 -3.39 -19.59
CA ILE A 206 -10.77 -4.67 -18.94
C ILE A 206 -9.82 -5.75 -19.42
N THR A 207 -9.33 -5.68 -20.66
CA THR A 207 -8.47 -6.72 -21.20
C THR A 207 -6.98 -6.49 -20.95
N CYS A 208 -6.59 -5.34 -20.38
CA CYS A 208 -5.18 -5.00 -20.22
CA CYS A 208 -5.18 -4.99 -20.23
C CYS A 208 -4.63 -5.55 -18.92
N ALA A 209 -3.68 -6.48 -19.02
CA ALA A 209 -3.03 -7.07 -17.86
C ALA A 209 -2.21 -6.03 -17.09
N PRO A 210 -1.96 -6.27 -15.79
CA PRO A 210 -1.27 -5.26 -14.96
C PRO A 210 0.06 -4.76 -15.50
N THR A 211 0.90 -5.65 -16.04
CA THR A 211 2.19 -5.19 -16.56
C THR A 211 2.00 -4.19 -17.69
N GLU A 212 1.03 -4.42 -18.57
CA GLU A 212 0.78 -3.52 -19.70
C GLU A 212 0.11 -2.23 -19.23
N ALA A 213 -0.83 -2.32 -18.29
CA ALA A 213 -1.50 -1.13 -17.79
C ALA A 213 -0.53 -0.23 -17.02
N ILE A 214 0.36 -0.82 -16.22
CA ILE A 214 1.34 -0.04 -15.47
C ILE A 214 2.39 0.58 -16.39
N ARG A 215 2.82 -0.15 -17.42
CA ARG A 215 3.75 0.47 -18.37
C ARG A 215 3.15 1.70 -19.03
N ARG A 216 1.87 1.63 -19.42
CA ARG A 216 1.19 2.81 -19.97
C ARG A 216 0.99 3.89 -18.91
N GLY A 217 0.62 3.50 -17.69
CA GLY A 217 0.42 4.46 -16.61
C GLY A 217 1.67 5.30 -16.33
N ILE A 218 2.82 4.65 -16.23
CA ILE A 218 4.06 5.37 -15.93
C ILE A 218 4.30 6.53 -16.89
N ARG A 219 4.08 6.30 -18.19
CA ARG A 219 4.25 7.36 -19.17
C ARG A 219 3.19 8.46 -19.01
N TYR A 220 1.94 8.06 -18.74
CA TYR A 220 0.85 9.03 -18.58
C TYR A 220 1.00 9.87 -17.32
N TRP A 221 1.59 9.30 -16.26
CA TRP A 221 1.69 9.93 -14.96
C TRP A 221 3.00 10.68 -14.74
N ASN A 222 4.00 10.43 -15.58
CA ASN A 222 5.40 10.72 -15.23
C ASN A 222 5.77 10.03 -13.91
N GLY A 223 5.60 8.70 -13.90
CA GLY A 223 5.79 7.94 -12.66
C GLY A 223 7.25 7.77 -12.29
N VAL A 224 7.52 7.75 -10.98
CA VAL A 224 8.87 7.58 -10.46
C VAL A 224 8.95 6.36 -9.54
N VAL A 225 10.11 5.71 -9.54
CA VAL A 225 10.35 4.50 -8.76
C VAL A 225 11.62 4.69 -7.94
N PRO A 226 11.87 3.83 -6.95
CA PRO A 226 13.10 3.97 -6.14
C PRO A 226 14.37 3.84 -6.98
N GLU A 227 15.41 4.58 -6.54
CA GLU A 227 16.61 4.77 -7.37
C GLU A 227 17.36 3.46 -7.65
N ARG A 228 17.58 2.62 -6.62
CA ARG A 228 18.32 1.39 -6.87
C ARG A 228 17.56 0.45 -7.81
N CYS A 229 16.24 0.36 -7.65
CA CYS A 229 15.44 -0.45 -8.57
C CYS A 229 15.48 0.13 -9.99
N ARG A 230 15.36 1.45 -10.12
CA ARG A 230 15.44 2.08 -11.44
C ARG A 230 16.77 1.78 -12.12
N ARG A 231 17.87 1.78 -11.36
CA ARG A 231 19.18 1.53 -11.96
C ARG A 231 19.35 0.07 -12.40
N GLN A 232 18.67 -0.86 -11.75
CA GLN A 232 18.70 -2.26 -12.17
C GLN A 232 17.94 -2.46 -13.48
N PHE A 233 16.71 -1.97 -13.56
CA PHE A 233 15.85 -2.31 -14.70
C PHE A 233 15.97 -1.36 -15.89
N GLN A 234 16.33 -0.10 -15.62
CA GLN A 234 16.65 0.92 -16.63
C GLN A 234 15.46 1.39 -17.47
N GLU A 235 15.75 2.26 -18.44
CA GLU A 235 14.70 2.99 -19.16
C GLU A 235 13.75 2.04 -19.87
N GLY A 236 12.46 2.33 -19.75
CA GLY A 236 11.41 1.54 -20.36
C GLY A 236 10.98 0.34 -19.56
N GLU A 237 11.72 -0.03 -18.52
CA GLU A 237 11.43 -1.24 -17.76
C GLU A 237 11.07 -0.94 -16.30
N GLU A 238 10.76 0.32 -15.97
CA GLU A 238 10.49 0.68 -14.58
C GLU A 238 9.19 0.07 -14.06
N TRP A 239 8.30 -0.42 -14.93
CA TRP A 239 7.12 -1.16 -14.47
C TRP A 239 7.48 -2.31 -13.53
N ASN A 240 8.67 -2.89 -13.69
CA ASN A 240 9.10 -4.00 -12.83
C ASN A 240 9.10 -3.62 -11.36
N CYS A 241 9.35 -2.34 -11.05
CA CYS A 241 9.48 -1.89 -9.67
C CYS A 241 8.14 -1.76 -8.94
N PHE A 242 7.02 -1.95 -9.64
CA PHE A 242 5.69 -1.97 -9.02
C PHE A 242 5.32 -3.35 -8.47
N PHE A 243 6.17 -4.36 -8.68
CA PHE A 243 5.93 -5.73 -8.22
C PHE A 243 6.83 -6.00 -7.01
N GLY A 244 6.18 -6.23 -5.86
CA GLY A 244 6.90 -6.25 -4.58
C GLY A 244 8.14 -7.12 -4.54
N TYR A 245 8.06 -8.34 -5.08
CA TYR A 245 9.18 -9.26 -4.98
C TYR A 245 10.42 -8.78 -5.73
N LYS A 246 10.25 -7.84 -6.69
CA LYS A 246 11.36 -7.24 -7.42
C LYS A 246 11.90 -5.98 -6.77
N VAL A 247 11.03 -5.15 -6.18
CA VAL A 247 11.48 -3.90 -5.57
C VAL A 247 11.98 -4.08 -4.14
N TYR A 248 11.35 -4.97 -3.37
CA TYR A 248 11.74 -5.19 -1.96
C TYR A 248 13.23 -5.41 -1.75
N PRO A 249 13.92 -6.28 -2.49
CA PRO A 249 15.35 -6.52 -2.19
C PRO A 249 16.25 -5.32 -2.44
N THR A 250 15.76 -4.27 -3.11
CA THR A 250 16.53 -3.06 -3.35
C THR A 250 16.39 -2.02 -2.22
N LEU A 251 15.49 -2.22 -1.27
CA LEU A 251 15.19 -1.20 -0.27
C LEU A 251 16.11 -1.31 0.94
N ARG A 252 16.39 -0.15 1.56
CA ARG A 252 17.21 -0.11 2.76
C ARG A 252 16.42 -0.01 4.07
N SER A 253 15.25 0.63 4.05
CA SER A 253 14.44 0.77 5.25
C SER A 253 13.81 -0.57 5.62
N PRO A 254 13.63 -0.86 6.92
CA PRO A 254 12.90 -2.07 7.32
C PRO A 254 11.44 -2.00 6.86
N VAL A 255 10.95 -3.10 6.27
CA VAL A 255 9.58 -3.19 5.73
C VAL A 255 8.94 -4.50 6.16
N PHE A 256 7.78 -4.41 6.83
CA PHE A 256 6.94 -5.56 7.18
C PHE A 256 5.88 -5.75 6.08
N VAL A 257 5.77 -6.98 5.55
CA VAL A 257 4.87 -7.27 4.42
C VAL A 257 3.68 -8.10 4.91
N VAL A 258 2.46 -7.60 4.69
CA VAL A 258 1.21 -8.32 4.98
C VAL A 258 0.52 -8.63 3.65
N GLN A 259 0.25 -9.92 3.38
N GLN A 259 0.17 -9.91 3.43
CA GLN A 259 -0.41 -10.28 2.12
CA GLN A 259 -0.35 -10.34 2.14
C GLN A 259 -1.17 -11.59 2.26
C GLN A 259 -1.17 -11.61 2.29
N TRP A 260 -2.48 -11.54 1.99
CA TRP A 260 -3.26 -12.77 1.88
C TRP A 260 -2.68 -13.63 0.75
N LEU A 261 -2.58 -14.95 0.97
CA LEU A 261 -2.04 -15.82 -0.07
C LEU A 261 -2.93 -15.88 -1.30
N PHE A 262 -4.23 -15.68 -1.13
CA PHE A 262 -5.19 -15.73 -2.24
C PHE A 262 -5.94 -14.40 -2.32
N ASP A 263 -5.20 -13.32 -2.59
CA ASP A 263 -5.77 -11.99 -2.58
C ASP A 263 -6.81 -11.82 -3.70
N GLU A 264 -7.96 -11.22 -3.36
CA GLU A 264 -9.03 -11.09 -4.35
C GLU A 264 -8.62 -10.23 -5.54
N ALA A 265 -7.82 -9.18 -5.31
CA ALA A 265 -7.36 -8.36 -6.43
C ALA A 265 -6.40 -9.12 -7.34
N GLN A 266 -5.53 -9.96 -6.77
CA GLN A 266 -4.68 -10.84 -7.58
C GLN A 266 -5.54 -11.76 -8.44
N LEU A 267 -6.57 -12.37 -7.86
CA LEU A 267 -7.42 -13.26 -8.65
C LEU A 267 -8.15 -12.50 -9.76
N THR A 268 -8.61 -11.27 -9.47
CA THR A 268 -9.27 -10.46 -10.48
C THR A 268 -8.35 -10.19 -11.68
N VAL A 269 -7.12 -9.78 -11.44
CA VAL A 269 -6.21 -9.50 -12.55
C VAL A 269 -5.79 -10.77 -13.28
N ASP A 270 -5.94 -11.93 -12.64
CA ASP A 270 -5.68 -13.23 -13.25
C ASP A 270 -6.90 -13.80 -13.97
N ASN A 271 -8.02 -13.07 -13.98
CA ASN A 271 -9.25 -13.49 -14.66
C ASN A 271 -9.85 -14.75 -14.03
N VAL A 272 -9.81 -14.82 -12.69
CA VAL A 272 -10.46 -15.88 -11.92
C VAL A 272 -11.65 -15.29 -11.20
N HIS A 273 -12.81 -15.94 -11.34
CA HIS A 273 -14.03 -15.52 -10.64
C HIS A 273 -14.67 -16.76 -10.01
N LEU A 274 -14.56 -16.86 -8.69
CA LEU A 274 -15.14 -17.98 -7.95
C LEU A 274 -16.63 -17.71 -7.75
N THR A 275 -17.46 -18.42 -8.51
CA THR A 275 -18.90 -18.13 -8.54
C THR A 275 -19.70 -19.01 -7.58
N PRO A 278 -18.59 -25.28 -8.20
CA PRO A 278 -17.64 -26.39 -8.06
C PRO A 278 -16.41 -26.21 -8.94
N VAL A 279 -15.23 -26.38 -8.35
CA VAL A 279 -13.97 -26.06 -9.00
C VAL A 279 -13.39 -27.31 -9.64
N GLN A 280 -13.12 -27.24 -10.95
CA GLN A 280 -12.55 -28.39 -11.64
C GLN A 280 -11.02 -28.36 -11.62
N GLU A 281 -10.41 -29.40 -12.21
CA GLU A 281 -8.99 -29.66 -11.99
C GLU A 281 -8.10 -28.52 -12.45
N GLY A 282 -8.38 -27.95 -13.62
CA GLY A 282 -7.52 -26.89 -14.14
C GLY A 282 -7.46 -25.69 -13.22
N LEU A 283 -8.62 -25.25 -12.73
CA LEU A 283 -8.66 -24.11 -11.81
C LEU A 283 -8.12 -24.46 -10.43
N ARG A 284 -8.37 -25.69 -9.94
N ARG A 284 -8.34 -25.69 -9.97
CA ARG A 284 -7.80 -26.09 -8.67
CA ARG A 284 -7.80 -26.10 -8.67
C ARG A 284 -6.28 -25.97 -8.70
C ARG A 284 -6.27 -26.05 -8.66
N LEU A 285 -5.65 -26.55 -9.73
CA LEU A 285 -4.19 -26.49 -9.83
C LEU A 285 -3.70 -25.05 -9.97
N TYR A 286 -4.44 -24.21 -10.71
CA TYR A 286 -4.06 -22.80 -10.85
C TYR A 286 -4.04 -22.09 -9.49
N ILE A 287 -5.09 -22.26 -8.70
CA ILE A 287 -5.18 -21.61 -7.38
C ILE A 287 -4.10 -22.14 -6.44
N GLN A 288 -3.89 -23.46 -6.41
CA GLN A 288 -2.85 -24.02 -5.56
C GLN A 288 -1.47 -23.51 -5.95
N ASN A 289 -1.21 -23.39 -7.26
CA ASN A 289 0.08 -22.87 -7.71
CA ASN A 289 0.07 -22.86 -7.74
C ASN A 289 0.26 -21.40 -7.34
N LEU A 290 -0.81 -20.61 -7.38
CA LEU A 290 -0.72 -19.21 -6.98
C LEU A 290 -0.28 -19.09 -5.51
N GLY A 291 -0.90 -19.86 -4.62
CA GLY A 291 -0.50 -19.81 -3.22
C GLY A 291 0.95 -20.22 -3.02
N ARG A 292 1.40 -21.26 -3.73
CA ARG A 292 2.78 -21.70 -3.60
C ARG A 292 3.78 -20.65 -4.11
N GLU A 293 3.44 -19.97 -5.22
CA GLU A 293 4.32 -18.93 -5.74
C GLU A 293 4.40 -17.75 -4.77
N LEU A 294 3.27 -17.33 -4.21
CA LEU A 294 3.30 -16.25 -3.23
C LEU A 294 4.18 -16.62 -2.04
N ARG A 295 3.96 -17.81 -1.48
CA ARG A 295 4.79 -18.27 -0.36
C ARG A 295 6.27 -18.26 -0.71
N HIS A 296 6.61 -18.71 -1.92
CA HIS A 296 8.03 -18.73 -2.33
C HIS A 296 8.62 -17.31 -2.35
N THR A 297 7.85 -16.31 -2.82
CA THR A 297 8.38 -14.95 -2.85
C THR A 297 8.59 -14.36 -1.46
N LEU A 298 7.96 -14.91 -0.42
CA LEU A 298 8.11 -14.42 0.94
C LEU A 298 9.15 -15.18 1.76
N LYS A 299 9.79 -16.20 1.18
CA LYS A 299 10.68 -17.06 1.95
C LYS A 299 11.82 -16.28 2.60
N ASP A 300 12.35 -15.27 1.90
CA ASP A 300 13.47 -14.47 2.40
C ASP A 300 13.02 -13.07 2.84
N VAL A 301 11.76 -12.94 3.26
CA VAL A 301 11.26 -11.69 3.83
C VAL A 301 11.13 -11.90 5.34
N PRO A 302 12.04 -11.39 6.17
CA PRO A 302 12.01 -11.79 7.60
C PRO A 302 10.81 -11.30 8.39
N ALA A 303 10.19 -10.17 8.02
CA ALA A 303 9.03 -9.65 8.74
C ALA A 303 7.83 -9.71 7.80
N SER A 304 6.95 -10.70 8.00
CA SER A 304 5.84 -10.91 7.08
C SER A 304 4.70 -11.65 7.77
N PHE A 305 3.48 -11.44 7.27
CA PHE A 305 2.25 -12.06 7.81
C PHE A 305 1.37 -12.40 6.61
N ALA A 306 1.19 -13.68 6.33
CA ALA A 306 0.58 -14.14 5.07
C ALA A 306 -0.35 -15.33 5.31
N PRO A 307 -1.61 -15.07 5.67
CA PRO A 307 -2.56 -16.15 5.94
C PRO A 307 -3.20 -16.72 4.66
N ALA A 308 -3.56 -18.00 4.75
CA ALA A 308 -4.17 -18.74 3.63
C ALA A 308 -5.68 -18.46 3.53
N CYS A 309 -6.01 -17.26 3.06
CA CYS A 309 -7.39 -16.82 2.95
C CYS A 309 -7.61 -16.09 1.64
N LEU A 310 -8.86 -16.14 1.16
CA LEU A 310 -9.34 -15.34 0.04
C LEU A 310 -9.98 -14.08 0.61
N SER A 311 -9.30 -12.93 0.49
CA SER A 311 -9.74 -11.67 1.09
C SER A 311 -8.95 -10.52 0.46
N HIS A 312 -9.07 -9.31 1.02
CA HIS A 312 -8.38 -8.12 0.48
C HIS A 312 -8.31 -7.05 1.56
N GLU A 313 -7.09 -6.58 1.88
CA GLU A 313 -6.79 -5.60 2.93
C GLU A 313 -6.97 -6.18 4.33
N ILE A 314 -6.28 -5.59 5.32
CA ILE A 314 -6.41 -5.99 6.73
C ILE A 314 -6.28 -4.84 7.74
N ILE A 315 -5.30 -3.95 7.55
CA ILE A 315 -4.81 -3.20 8.70
C ILE A 315 -5.77 -2.11 9.22
N ILE A 316 -6.68 -1.57 8.40
CA ILE A 316 -7.63 -0.57 8.93
C ILE A 316 -9.03 -1.13 9.16
N ARG A 317 -9.19 -2.46 9.11
CA ARG A 317 -10.46 -3.10 9.41
C ARG A 317 -10.64 -3.22 10.93
N SER A 318 -11.87 -3.00 11.40
CA SER A 318 -12.13 -2.97 12.84
C SER A 318 -11.79 -4.30 13.53
N HIS A 319 -12.01 -5.43 12.85
CA HIS A 319 -11.74 -6.75 13.42
C HIS A 319 -10.38 -7.31 12.96
N TRP A 320 -9.43 -6.43 12.68
CA TRP A 320 -8.12 -6.85 12.19
C TRP A 320 -7.36 -7.75 13.18
N THR A 321 -7.74 -7.74 14.45
CA THR A 321 -7.05 -8.53 15.47
C THR A 321 -7.43 -10.01 15.45
N ASP A 322 -8.45 -10.42 14.70
CA ASP A 322 -9.00 -11.77 14.80
C ASP A 322 -8.15 -12.82 14.10
N VAL A 323 -7.56 -12.51 12.93
CA VAL A 323 -6.84 -13.52 12.17
C VAL A 323 -5.50 -13.85 12.84
N GLN A 324 -5.12 -15.14 12.79
CA GLN A 324 -3.87 -15.61 13.37
C GLN A 324 -3.18 -16.57 12.40
N VAL A 325 -1.85 -16.56 12.43
CA VAL A 325 -1.03 -17.54 11.72
C VAL A 325 -0.19 -18.26 12.78
N LYS A 326 -0.28 -19.59 12.82
CA LYS A 326 0.44 -20.38 13.82
C LYS A 326 0.18 -19.86 15.23
N GLY A 327 -1.04 -19.40 15.49
CA GLY A 327 -1.42 -18.92 16.81
C GLY A 327 -1.02 -17.50 17.17
N THR A 328 -0.48 -16.72 16.23
CA THR A 328 -0.03 -15.35 16.48
C THR A 328 -0.84 -14.38 15.62
N SER A 329 -1.41 -13.34 16.26
CA SER A 329 -2.16 -12.31 15.56
C SER A 329 -1.22 -11.28 14.91
N LEU A 330 -1.77 -10.47 13.99
CA LEU A 330 -0.98 -9.40 13.37
C LEU A 330 -0.53 -8.34 14.37
N PRO A 331 -1.40 -7.80 15.24
CA PRO A 331 -0.90 -6.83 16.25
C PRO A 331 0.24 -7.40 17.10
N ARG A 332 0.19 -8.69 17.45
CA ARG A 332 1.31 -9.31 18.16
C ARG A 332 2.58 -9.33 17.31
N ALA A 333 2.47 -9.80 16.05
CA ALA A 333 3.64 -9.85 15.16
C ALA A 333 4.28 -8.48 14.98
N LEU A 334 3.47 -7.42 14.85
CA LEU A 334 4.01 -6.05 14.73
C LEU A 334 4.75 -5.61 16.00
N HIS A 335 4.19 -5.95 17.17
CA HIS A 335 4.88 -5.70 18.44
C HIS A 335 6.22 -6.45 18.51
N CYS A 336 6.24 -7.71 18.07
CA CYS A 336 7.49 -8.46 18.05
C CYS A 336 8.51 -7.81 17.10
N TRP A 337 8.03 -7.28 15.96
CA TRP A 337 8.89 -6.54 15.04
C TRP A 337 9.50 -5.31 15.71
N ASP A 338 8.68 -4.52 16.42
CA ASP A 338 9.22 -3.39 17.20
C ASP A 338 10.34 -3.84 18.15
N ARG A 339 10.13 -4.94 18.88
CA ARG A 339 11.15 -5.43 19.81
C ARG A 339 12.42 -5.83 19.07
N SER A 340 12.28 -6.47 17.89
CA SER A 340 13.43 -6.91 17.10
C SER A 340 14.28 -5.75 16.61
N LEU A 341 13.71 -4.56 16.47
CA LEU A 341 14.41 -3.39 15.96
C LEU A 341 14.97 -2.51 17.07
N HIS A 342 14.88 -2.94 18.32
CA HIS A 342 15.56 -2.26 19.42
C HIS A 342 17.06 -2.20 19.17
N PRO A 351 16.59 -14.02 17.27
CA PRO A 351 15.13 -14.12 17.41
C PRO A 351 14.68 -14.12 18.88
N LEU A 352 13.40 -13.84 19.09
CA LEU A 352 12.83 -13.63 20.42
C LEU A 352 11.96 -14.82 20.81
N LYS A 353 12.13 -15.28 22.04
CA LYS A 353 11.39 -16.44 22.54
C LYS A 353 9.88 -16.17 22.51
N GLY A 354 9.15 -16.95 21.73
CA GLY A 354 7.71 -16.83 21.64
C GLY A 354 7.17 -15.54 21.06
N CYS A 355 8.00 -14.77 20.34
CA CYS A 355 7.58 -13.48 19.75
C CYS A 355 8.05 -13.48 18.29
N PRO A 356 7.35 -14.19 17.42
CA PRO A 356 7.82 -14.36 16.03
C PRO A 356 7.43 -13.20 15.13
N VAL A 357 8.21 -13.02 14.07
CA VAL A 357 7.95 -11.98 13.07
C VAL A 357 7.76 -12.50 11.66
N HIS A 358 8.10 -13.77 11.37
CA HIS A 358 7.92 -14.36 10.04
C HIS A 358 6.81 -15.40 10.14
N LEU A 359 5.62 -15.06 9.60
CA LEU A 359 4.42 -15.88 9.80
C LEU A 359 3.73 -16.09 8.44
N VAL A 360 4.02 -17.21 7.77
CA VAL A 360 3.48 -17.51 6.45
C VAL A 360 2.79 -18.87 6.52
N ASP A 361 1.50 -18.92 6.17
CA ASP A 361 0.79 -20.19 6.18
C ASP A 361 1.37 -21.15 5.14
N SER A 362 1.32 -22.45 5.45
CA SER A 362 1.73 -23.48 4.50
C SER A 362 0.58 -24.32 3.95
N CYS A 363 -0.63 -24.17 4.46
CA CYS A 363 -1.70 -25.01 3.93
C CYS A 363 -2.18 -24.46 2.56
N PRO A 364 -2.70 -25.31 1.68
CA PRO A 364 -2.69 -24.97 0.24
C PRO A 364 -4.00 -24.46 -0.38
N TRP A 365 -5.06 -24.19 0.39
CA TRP A 365 -6.37 -23.81 -0.16
C TRP A 365 -7.02 -22.72 0.69
N PRO A 366 -7.74 -21.77 0.07
CA PRO A 366 -8.34 -20.69 0.87
C PRO A 366 -9.24 -21.22 1.99
N HIS A 367 -9.10 -20.62 3.17
CA HIS A 367 -9.84 -20.95 4.38
C HIS A 367 -9.40 -22.27 5.02
N CYS A 368 -8.22 -22.79 4.65
CA CYS A 368 -7.63 -23.86 5.42
C CYS A 368 -7.14 -23.39 6.79
N ASN A 369 -7.01 -22.07 6.96
CA ASN A 369 -6.79 -21.45 8.26
C ASN A 369 -8.15 -21.12 8.87
N PRO A 370 -8.51 -21.66 10.04
CA PRO A 370 -9.86 -21.43 10.59
C PRO A 370 -10.12 -19.99 11.04
N SER A 371 -9.09 -19.14 11.16
CA SER A 371 -9.29 -17.76 11.60
C SER A 371 -9.53 -16.79 10.45
N CYS A 372 -9.64 -17.27 9.21
CA CYS A 372 -9.86 -16.39 8.07
C CYS A 372 -11.15 -15.58 8.23
N PRO A 373 -11.23 -14.37 7.66
CA PRO A 373 -12.46 -13.58 7.73
C PRO A 373 -13.63 -14.33 7.11
N THR A 374 -14.79 -14.22 7.76
CA THR A 374 -15.96 -15.00 7.36
C THR A 374 -16.61 -14.41 6.12
S SO4 B . -18.04 9.81 -5.28
O1 SO4 B . -16.71 9.48 -4.72
O2 SO4 B . -19.02 8.95 -4.64
O3 SO4 B . -18.08 9.59 -6.74
O4 SO4 B . -18.29 11.21 -4.98
C1 NAG C . 5.39 23.35 -3.46
C2 NAG C . 6.83 23.74 -3.10
C3 NAG C . 7.71 23.71 -4.35
C4 NAG C . 7.58 22.38 -5.08
C5 NAG C . 6.12 22.08 -5.36
C6 NAG C . 5.89 20.74 -6.01
C7 NAG C . 6.81 25.23 -1.15
C8 NAG C . 6.89 26.65 -0.67
N2 NAG C . 6.88 25.05 -2.47
O3 NAG C . 9.06 23.94 -3.97
O4 NAG C . 8.31 22.40 -6.30
O5 NAG C . 5.38 22.08 -4.13
O6 NAG C . 6.27 19.68 -5.14
O7 NAG C . 6.70 24.29 -0.37
S SO4 D . -5.04 13.75 -21.66
O1 SO4 D . -4.16 14.86 -21.40
O2 SO4 D . -5.57 13.23 -20.40
O3 SO4 D . -4.29 12.69 -22.33
O4 SO4 D . -6.16 14.17 -22.50
S SO4 E . -18.14 18.60 6.28
O1 SO4 E . -17.63 17.44 7.02
O2 SO4 E . -17.02 19.42 5.82
O3 SO4 E . -19.00 19.40 7.14
O4 SO4 E . -18.90 18.12 5.12
S SO4 F . 15.13 9.22 -5.92
O1 SO4 F . 16.05 8.99 -4.82
O2 SO4 F . 14.18 10.27 -5.58
O3 SO4 F . 14.40 7.98 -6.21
O4 SO4 F . 15.88 9.61 -7.11
S SO4 G . -12.07 -32.65 -11.13
O1 SO4 G . -12.37 -31.78 -10.00
O2 SO4 G . -10.80 -33.33 -10.88
O3 SO4 G . -13.13 -33.64 -11.28
O4 SO4 G . -11.98 -31.86 -12.36
S SO4 H . 12.33 -5.99 25.50
O1 SO4 H . 12.67 -7.01 26.49
O2 SO4 H . 13.10 -4.78 25.76
O3 SO4 H . 12.66 -6.49 24.16
O4 SO4 H . 10.90 -5.69 25.58
C1 EDO I . 16.68 20.76 11.40
O1 EDO I . 17.99 21.27 11.66
C2 EDO I . 15.92 21.67 10.44
O2 EDO I . 15.88 23.00 11.01
C1 EDO J . -5.03 18.67 16.58
O1 EDO J . -3.64 18.35 16.76
C2 EDO J . -5.87 17.64 17.33
O2 EDO J . -5.29 16.35 17.12
C1 EDO K . -12.52 10.98 1.13
O1 EDO K . -12.99 9.67 1.44
C2 EDO K . -11.35 11.33 2.06
O2 EDO K . -11.85 11.37 3.40
C1 EDO L . -0.45 -10.49 -13.85
O1 EDO L . -1.84 -10.54 -14.21
C2 EDO L . 0.39 -10.20 -15.09
O2 EDO L . 0.35 -8.81 -15.41
C1 EDO M . -14.31 -7.51 8.97
O1 EDO M . -13.26 -8.29 9.54
C2 EDO M . -13.93 -6.04 9.04
O2 EDO M . -13.66 -5.66 10.38
C1 EDO N . 14.26 -4.95 4.12
O1 EDO N . 15.25 -4.01 4.57
C2 EDO N . 12.97 -4.78 4.88
O2 EDO N . 13.04 -5.42 6.14
C1 EDO O . -10.98 5.67 7.98
O1 EDO O . -11.03 6.96 8.61
C2 EDO O . -9.61 5.08 8.20
O2 EDO O . -9.56 4.49 9.50
C10 U62 P . -0.31 -4.70 -9.81
C13 U62 P . -0.47 -2.63 -7.97
C15 U62 P . -2.85 -3.07 -7.70
C02 U62 P . -5.99 -1.88 -5.43
C04 U62 P . -4.95 -2.50 -6.33
C05 U62 P . -5.02 -3.69 -7.02
C06 U62 P . -3.87 -4.00 -7.75
C07 U62 P . -3.70 -5.29 -8.58
C09 U62 P . -1.54 -4.37 -9.23
C11 U62 P . 0.84 -3.99 -9.47
C12 U62 P . 0.75 -2.95 -8.54
C14 U62 P . -1.64 -3.33 -8.33
O01 U62 P . -5.76 -0.72 -4.97
O03 U62 P . -7.00 -2.55 -5.08
O08 U62 P . -2.71 -5.14 -9.61
S16 U62 P . -3.41 -1.80 -6.64
S DMS Q . -14.12 -22.05 -14.75
O DMS Q . -12.95 -22.68 -15.44
C1 DMS Q . -13.91 -20.27 -14.63
C2 DMS Q . -15.56 -22.12 -15.84
S DMS R . -10.52 18.03 -15.09
O DMS R . -9.29 17.86 -14.26
C1 DMS R . -11.84 16.96 -14.47
C2 DMS R . -11.24 19.66 -14.78
S DMS S . 1.04 1.78 22.22
O DMS S . 0.83 3.03 21.43
C1 DMS S . 2.76 1.24 21.98
C2 DMS S . 1.12 2.21 23.98
#